data_2FTR
#
_entry.id   2FTR
#
_cell.length_a   48.530
_cell.length_b   45.454
_cell.length_c   51.423
_cell.angle_alpha   90.000
_cell.angle_beta   99.930
_cell.angle_gamma   90.000
#
_symmetry.space_group_name_H-M   'P 1 21 1'
#
loop_
_entity.id
_entity.type
_entity.pdbx_description
1 polymer BH0200
2 non-polymer 'CHLORIDE ION'
3 non-polymer 'UNKNOWN LIGAND'
4 non-polymer GLYCEROL
5 water water
#
_entity_poly.entity_id   1
_entity_poly.type   'polypeptide(L)'
_entity_poly.pdbx_seq_one_letter_code
;G(MSE)KGEN(MSE)(MSE)VKLIALYEQPEDKQAFDEHYFNTHAPLTRKIPGLRD(MSE)KVTRIVGSP(MSE)GESKF
YL(MSE)CE(MSE)YYDDHESLQQA(MSE)RTDEGKASGKDA(MSE)KFAGKLLTL(MSE)IGEE(MSE)DE
;
_entity_poly.pdbx_strand_id   A,B
#
# COMPACT_ATOMS: atom_id res chain seq x y z
N GLU A 5 1.65 -15.01 11.33
CA GLU A 5 0.41 -15.84 11.48
C GLU A 5 -0.88 -15.05 11.29
N ASN A 6 -1.98 -15.77 11.02
CA ASN A 6 -3.30 -15.15 10.79
C ASN A 6 -3.22 -13.97 9.85
N VAL A 9 -0.07 -13.15 2.72
CA VAL A 9 1.16 -12.58 2.19
C VAL A 9 0.91 -11.83 0.88
N LYS A 10 1.39 -10.59 0.80
CA LYS A 10 1.32 -9.87 -0.45
C LYS A 10 2.58 -9.10 -0.76
N LEU A 11 2.92 -9.06 -2.04
CA LEU A 11 3.95 -8.17 -2.54
C LEU A 11 3.25 -6.88 -2.90
N ILE A 12 3.82 -5.75 -2.48
CA ILE A 12 3.26 -4.43 -2.73
C ILE A 12 4.27 -3.67 -3.59
N ALA A 13 3.81 -3.21 -4.75
CA ALA A 13 4.58 -2.36 -5.64
C ALA A 13 3.99 -0.96 -5.52
N LEU A 14 4.82 0.02 -5.18
CA LEU A 14 4.40 1.40 -5.05
C LEU A 14 5.22 2.24 -6.02
N TYR A 15 4.55 2.95 -6.90
CA TYR A 15 5.19 3.75 -7.94
C TYR A 15 5.02 5.23 -7.66
N GLU A 16 6.12 5.96 -7.71
CA GLU A 16 6.10 7.41 -7.65
C GLU A 16 5.63 8.00 -8.98
N GLN A 17 5.45 9.31 -8.99
CA GLN A 17 4.94 10.02 -10.16
C GLN A 17 5.85 9.91 -11.36
N PRO A 18 5.32 9.39 -12.50
CA PRO A 18 6.12 9.35 -13.71
C PRO A 18 6.22 10.71 -14.41
N GLU A 19 7.27 10.90 -15.18
CA GLU A 19 7.43 12.12 -15.96
C GLU A 19 6.46 12.16 -17.14
N ASP A 20 6.20 11.01 -17.74
CA ASP A 20 5.27 10.88 -18.86
C ASP A 20 4.19 9.88 -18.46
N LYS A 21 3.07 10.39 -17.97
CA LYS A 21 2.00 9.54 -17.47
C LYS A 21 1.37 8.68 -18.58
N GLN A 22 1.30 9.22 -19.79
CA GLN A 22 0.71 8.47 -20.92
C GLN A 22 1.54 7.23 -21.20
N ALA A 23 2.86 7.40 -21.26
CA ALA A 23 3.77 6.28 -21.50
C ALA A 23 3.75 5.28 -20.35
N PHE A 24 3.73 5.79 -19.12
CA PHE A 24 3.64 4.90 -17.96
C PHE A 24 2.36 4.08 -18.01
N ASP A 25 1.25 4.75 -18.22
CA ASP A 25 -0.04 4.05 -18.20
C ASP A 25 -0.12 3.00 -19.30
N GLU A 26 0.35 3.33 -20.50
N GLU A 26 0.35 3.39 -20.48
CA GLU A 26 0.31 2.34 -21.58
CA GLU A 26 0.47 2.52 -21.65
C GLU A 26 1.18 1.16 -21.21
C GLU A 26 1.19 1.24 -21.28
N HIS A 27 2.41 1.41 -20.78
CA HIS A 27 3.27 0.29 -20.48
C HIS A 27 2.73 -0.54 -19.32
N TYR A 28 2.27 0.15 -18.29
CA TYR A 28 1.81 -0.55 -17.10
C TYR A 28 0.63 -1.46 -17.44
N PHE A 29 -0.41 -0.90 -18.03
CA PHE A 29 -1.63 -1.67 -18.25
C PHE A 29 -1.56 -2.63 -19.41
N ASN A 30 -0.83 -2.26 -20.47
CA ASN A 30 -0.82 -3.06 -21.67
C ASN A 30 0.28 -4.10 -21.70
N THR A 31 1.38 -3.85 -20.97
CA THR A 31 2.52 -4.76 -20.97
C THR A 31 2.83 -5.33 -19.60
N HIS A 32 2.99 -4.47 -18.61
CA HIS A 32 3.49 -4.94 -17.33
C HIS A 32 2.50 -5.79 -16.57
N ALA A 33 1.27 -5.31 -16.46
CA ALA A 33 0.26 -6.06 -15.70
C ALA A 33 0.04 -7.45 -16.30
N PRO A 34 -0.11 -7.57 -17.63
CA PRO A 34 -0.21 -8.91 -18.21
C PRO A 34 0.98 -9.81 -17.90
N LEU A 35 2.19 -9.26 -17.88
CA LEU A 35 3.36 -10.07 -17.51
C LEU A 35 3.26 -10.59 -16.10
N THR A 36 2.85 -9.72 -15.19
CA THR A 36 2.74 -10.09 -13.79
C THR A 36 1.64 -11.14 -13.59
N ARG A 37 0.55 -11.00 -14.33
CA ARG A 37 -0.56 -11.96 -14.22
C ARG A 37 -0.21 -13.37 -14.70
N LYS A 38 0.94 -13.53 -15.38
CA LYS A 38 1.44 -14.86 -15.77
C LYS A 38 2.19 -15.58 -14.66
N ILE A 39 2.47 -14.92 -13.54
CA ILE A 39 3.35 -15.52 -12.56
C ILE A 39 2.65 -16.69 -11.88
N PRO A 40 3.26 -17.90 -11.94
CA PRO A 40 2.65 -19.02 -11.23
C PRO A 40 2.53 -18.78 -9.72
N GLY A 41 1.36 -19.08 -9.20
CA GLY A 41 1.12 -18.96 -7.77
C GLY A 41 0.44 -17.66 -7.39
N LEU A 42 0.36 -16.69 -8.30
CA LEU A 42 -0.36 -15.45 -8.01
C LEU A 42 -1.82 -15.76 -7.81
N ARG A 43 -2.37 -15.36 -6.67
CA ARG A 43 -3.75 -15.69 -6.30
C ARG A 43 -4.74 -14.56 -6.50
N ASP A 44 -4.28 -13.34 -6.27
CA ASP A 44 -5.12 -12.15 -6.47
C ASP A 44 -4.22 -10.97 -6.73
N LYS A 46 -4.61 -6.56 -6.96
CA LYS A 46 -5.42 -5.35 -6.86
C LYS A 46 -4.56 -4.17 -7.30
N VAL A 47 -5.08 -3.35 -8.20
CA VAL A 47 -4.38 -2.18 -8.69
C VAL A 47 -5.12 -0.95 -8.17
N THR A 48 -4.38 -0.06 -7.51
CA THR A 48 -4.95 1.16 -6.93
C THR A 48 -4.33 2.38 -7.63
N ARG A 49 -5.16 3.21 -8.26
CA ARG A 49 -4.73 4.48 -8.80
C ARG A 49 -4.70 5.48 -7.67
N ILE A 50 -3.56 6.16 -7.46
CA ILE A 50 -3.47 7.14 -6.39
C ILE A 50 -3.86 8.48 -6.98
N VAL A 51 -4.94 9.07 -6.46
CA VAL A 51 -5.49 10.28 -7.06
C VAL A 51 -5.16 11.54 -6.28
N GLY A 52 -4.49 11.40 -5.14
CA GLY A 52 -4.05 12.55 -4.37
C GLY A 52 -3.76 12.19 -2.93
N SER A 53 -3.57 13.21 -2.11
CA SER A 53 -3.52 13.08 -0.66
C SER A 53 -4.67 13.88 -0.09
N PRO A 54 -4.97 13.73 1.21
CA PRO A 54 -6.01 14.58 1.78
C PRO A 54 -5.79 16.08 1.53
N GLY A 56 -3.77 17.57 -0.97
CA GLY A 56 -3.38 17.94 -2.32
C GLY A 56 -2.89 16.77 -3.15
N GLU A 57 -1.71 16.94 -3.75
CA GLU A 57 -1.12 15.90 -4.59
C GLU A 57 -0.35 14.91 -3.74
N SER A 58 -0.13 13.72 -4.29
CA SER A 58 0.67 12.69 -3.64
C SER A 58 1.99 12.47 -4.36
N LYS A 59 3.01 12.10 -3.60
CA LYS A 59 4.28 11.58 -4.13
C LYS A 59 4.06 10.33 -4.99
N PHE A 60 2.99 9.59 -4.68
CA PHE A 60 2.76 8.29 -5.31
C PHE A 60 1.65 8.36 -6.33
N TYR A 61 1.75 7.47 -7.30
CA TYR A 61 0.87 7.45 -8.47
C TYR A 61 0.06 6.15 -8.61
N LEU A 62 0.65 5.01 -8.27
CA LEU A 62 -0.01 3.74 -8.47
C LEU A 62 0.52 2.74 -7.46
N CYS A 64 0.20 -1.60 -6.56
CA CYS A 64 -0.31 -2.92 -6.93
C CYS A 64 -0.01 -3.87 -5.79
N GLU A 65 -1.01 -4.66 -5.42
CA GLU A 65 -0.91 -5.65 -4.36
C GLU A 65 -1.13 -7.02 -4.98
N TYR A 67 -1.09 -11.10 -4.23
CA TYR A 67 -1.29 -12.04 -3.11
C TYR A 67 -0.80 -13.44 -3.43
N TYR A 68 -0.06 -14.04 -2.51
CA TYR A 68 0.50 -15.40 -2.63
C TYR A 68 0.10 -16.24 -1.43
N ASP A 69 0.27 -17.55 -1.53
CA ASP A 69 -0.21 -18.45 -0.49
C ASP A 69 0.53 -18.31 0.84
N ASP A 70 1.80 -17.95 0.76
CA ASP A 70 2.69 -17.95 1.91
C ASP A 70 4.01 -17.32 1.48
N HIS A 71 4.90 -17.08 2.44
CA HIS A 71 6.18 -16.45 2.12
C HIS A 71 7.05 -17.25 1.16
N GLU A 72 7.11 -18.56 1.37
CA GLU A 72 7.89 -19.42 0.49
C GLU A 72 7.39 -19.34 -0.94
N SER A 73 6.06 -19.31 -1.11
CA SER A 73 5.47 -19.24 -2.45
C SER A 73 5.81 -17.92 -3.13
N LEU A 74 5.78 -16.82 -2.39
CA LEU A 74 6.17 -15.54 -2.95
C LEU A 74 7.63 -15.56 -3.39
N GLN A 75 8.51 -16.09 -2.54
CA GLN A 75 9.93 -16.16 -2.86
C GLN A 75 10.15 -17.00 -4.12
N GLN A 76 9.45 -18.13 -4.22
CA GLN A 76 9.56 -18.98 -5.40
C GLN A 76 9.00 -18.30 -6.64
N ALA A 77 7.89 -17.60 -6.48
CA ALA A 77 7.26 -16.91 -7.61
C ALA A 77 8.19 -15.89 -8.24
N ARG A 79 11.28 -15.92 -8.43
CA ARG A 79 12.39 -16.60 -9.10
C ARG A 79 11.97 -17.42 -10.34
N THR A 80 10.68 -17.54 -10.61
CA THR A 80 10.23 -18.18 -11.85
C THR A 80 10.62 -17.34 -13.06
N ASP A 81 10.60 -17.95 -14.24
CA ASP A 81 10.88 -17.20 -15.47
C ASP A 81 9.90 -16.04 -15.59
N GLU A 82 8.65 -16.28 -15.22
CA GLU A 82 7.61 -15.27 -15.35
C GLU A 82 7.83 -14.12 -14.35
N GLY A 83 8.21 -14.48 -13.13
CA GLY A 83 8.52 -13.47 -12.12
C GLY A 83 9.70 -12.60 -12.52
N LYS A 84 10.75 -13.24 -13.02
CA LYS A 84 11.93 -12.52 -13.48
C LYS A 84 11.59 -11.61 -14.65
N ALA A 85 10.73 -12.08 -15.56
CA ALA A 85 10.35 -11.26 -16.72
C ALA A 85 9.57 -10.03 -16.29
N SER A 86 8.67 -10.20 -15.33
CA SER A 86 7.96 -9.06 -14.78
C SER A 86 8.90 -8.07 -14.08
N GLY A 87 9.82 -8.59 -13.27
CA GLY A 87 10.77 -7.73 -12.58
C GLY A 87 11.64 -6.92 -13.52
N LYS A 88 12.12 -7.60 -14.57
CA LYS A 88 12.98 -6.98 -15.56
CA LYS A 88 12.98 -6.98 -15.56
C LYS A 88 12.21 -5.87 -16.28
N ASP A 89 10.96 -6.17 -16.61
CA ASP A 89 10.13 -5.17 -17.28
C ASP A 89 9.97 -3.92 -16.40
N ALA A 90 9.73 -4.11 -15.12
CA ALA A 90 9.55 -2.97 -14.21
C ALA A 90 10.81 -2.13 -14.13
N LYS A 92 12.94 -1.58 -16.42
CA LYS A 92 13.02 -0.85 -17.68
C LYS A 92 12.05 0.33 -17.77
N PHE A 93 10.76 0.11 -17.51
CA PHE A 93 9.75 1.15 -17.73
C PHE A 93 9.53 2.08 -16.54
N ALA A 94 9.78 1.60 -15.32
CA ALA A 94 9.49 2.38 -14.12
C ALA A 94 10.75 2.75 -13.35
N GLY A 95 11.76 1.88 -13.39
CA GLY A 95 13.02 2.21 -12.76
C GLY A 95 12.85 2.71 -11.34
N LYS A 96 13.49 3.83 -11.05
CA LYS A 96 13.54 4.36 -9.69
C LYS A 96 12.19 4.74 -9.13
N LEU A 97 11.13 4.76 -9.96
CA LEU A 97 9.79 5.07 -9.45
C LEU A 97 9.31 3.98 -8.49
N LEU A 98 9.87 2.78 -8.58
CA LEU A 98 9.31 1.61 -7.91
C LEU A 98 9.94 1.29 -6.57
N THR A 99 9.09 1.13 -5.56
CA THR A 99 9.46 0.55 -4.28
C THR A 99 8.67 -0.74 -4.09
N LEU A 100 9.35 -1.82 -3.73
CA LEU A 100 8.72 -3.10 -3.44
C LEU A 100 8.77 -3.39 -1.95
N ILE A 102 7.15 -6.33 1.13
CA ILE A 102 6.45 -7.60 1.45
C ILE A 102 5.63 -7.38 2.70
N GLY A 103 4.32 -7.64 2.58
CA GLY A 103 3.41 -7.40 3.67
C GLY A 103 2.67 -8.64 4.12
N GLU A 104 2.29 -8.61 5.39
CA GLU A 104 1.37 -9.57 5.97
C GLU A 104 0.08 -8.83 6.29
N GLU A 105 -0.95 -9.08 5.48
CA GLU A 105 -2.25 -8.43 5.67
C GLU A 105 -2.99 -9.20 6.73
N ASP A 107 -5.54 -10.77 9.49
CA ASP A 107 -6.95 -11.17 9.63
C ASP A 107 -7.66 -10.14 10.50
N VAL B 9 -13.10 3.30 -3.07
CA VAL B 9 -12.20 4.34 -2.63
C VAL B 9 -11.52 3.93 -1.34
N LYS B 10 -10.24 4.25 -1.21
CA LYS B 10 -9.58 3.98 0.05
C LYS B 10 -8.61 5.05 0.42
N LEU B 11 -8.56 5.27 1.73
CA LEU B 11 -7.51 6.08 2.31
C LEU B 11 -6.41 5.11 2.74
N ILE B 12 -5.17 5.41 2.35
CA ILE B 12 -4.01 4.55 2.64
C ILE B 12 -3.08 5.34 3.54
N ALA B 13 -2.77 4.76 4.70
CA ALA B 13 -1.78 5.30 5.63
C ALA B 13 -0.59 4.39 5.57
N LEU B 14 0.58 4.95 5.27
CA LEU B 14 1.82 4.21 5.19
C LEU B 14 2.77 4.80 6.21
N TYR B 15 3.31 3.94 7.06
CA TYR B 15 4.20 4.37 8.15
C TYR B 15 5.61 3.85 7.93
N GLU B 16 6.60 4.74 8.02
CA GLU B 16 8.01 4.38 8.02
C GLU B 16 8.41 3.76 9.36
N GLN B 17 9.65 3.28 9.42
CA GLN B 17 10.13 2.57 10.59
C GLN B 17 10.17 3.47 11.83
N PRO B 18 9.52 3.05 12.93
CA PRO B 18 9.60 3.78 14.18
C PRO B 18 10.89 3.45 14.92
N GLU B 19 11.34 4.36 15.76
CA GLU B 19 12.54 4.11 16.57
C GLU B 19 12.26 3.05 17.64
N ASP B 20 11.03 3.01 18.16
CA ASP B 20 10.62 2.02 19.17
C ASP B 20 9.41 1.25 18.64
N LYS B 21 9.64 0.05 18.13
CA LYS B 21 8.59 -0.75 17.52
C LYS B 21 7.56 -1.19 18.54
N GLN B 22 7.99 -1.55 19.75
CA GLN B 22 7.05 -1.96 20.79
C GLN B 22 6.07 -0.83 21.11
N ALA B 23 6.59 0.38 21.24
CA ALA B 23 5.75 1.52 21.59
C ALA B 23 4.80 1.84 20.43
N PHE B 24 5.33 1.80 19.21
CA PHE B 24 4.50 2.01 18.03
C PHE B 24 3.36 0.99 17.99
N ASP B 25 3.70 -0.29 18.13
CA ASP B 25 2.71 -1.34 18.09
C ASP B 25 1.66 -1.19 19.18
N GLU B 26 2.04 -0.87 20.40
N GLU B 26 2.12 -0.90 20.38
CA GLU B 26 1.02 -0.72 21.44
CA GLU B 26 1.26 -0.61 21.53
C GLU B 26 0.10 0.45 21.10
C GLU B 26 0.21 0.42 21.16
N HIS B 27 0.67 1.59 20.74
CA HIS B 27 -0.20 2.69 20.41
C HIS B 27 -1.07 2.37 19.20
N TYR B 28 -0.47 1.80 18.17
CA TYR B 28 -1.21 1.56 16.95
C TYR B 28 -2.37 0.60 17.18
N PHE B 29 -2.08 -0.55 17.75
CA PHE B 29 -3.07 -1.59 17.88
C PHE B 29 -4.04 -1.40 19.03
N ASN B 30 -3.57 -0.80 20.13
CA ASN B 30 -4.42 -0.65 21.31
C ASN B 30 -5.21 0.65 21.36
N THR B 31 -4.68 1.69 20.69
CA THR B 31 -5.34 3.00 20.68
C THR B 31 -5.78 3.43 19.30
N HIS B 32 -4.85 3.45 18.34
CA HIS B 32 -5.16 4.06 17.05
C HIS B 32 -6.17 3.28 16.22
N ALA B 33 -5.95 1.97 16.06
CA ALA B 33 -6.84 1.20 15.21
C ALA B 33 -8.27 1.23 15.76
N PRO B 34 -8.45 1.06 17.08
CA PRO B 34 -9.81 1.22 17.60
C PRO B 34 -10.46 2.59 17.35
N LEU B 35 -9.71 3.68 17.46
CA LEU B 35 -10.24 4.99 17.13
C LEU B 35 -10.71 5.01 15.68
N THR B 36 -9.91 4.46 14.80
CA THR B 36 -10.19 4.52 13.38
C THR B 36 -11.41 3.69 13.02
N ARG B 37 -11.61 2.57 13.71
CA ARG B 37 -12.75 1.72 13.43
C ARG B 37 -14.09 2.39 13.78
N LYS B 38 -14.06 3.46 14.56
CA LYS B 38 -15.27 4.17 14.97
C LYS B 38 -15.71 5.19 13.91
N ILE B 39 -14.91 5.39 12.87
CA ILE B 39 -15.22 6.48 11.94
C ILE B 39 -16.46 6.15 11.12
N PRO B 40 -17.49 7.02 11.20
CA PRO B 40 -18.69 6.78 10.39
C PRO B 40 -18.38 6.66 8.91
N GLY B 41 -19.03 5.69 8.27
CA GLY B 41 -18.84 5.46 6.84
C GLY B 41 -17.75 4.45 6.48
N LEU B 42 -16.90 4.09 7.45
CA LEU B 42 -15.84 3.12 7.15
C LEU B 42 -16.43 1.77 6.83
N ARG B 43 -16.09 1.23 5.67
CA ARG B 43 -16.65 -0.03 5.19
C ARG B 43 -15.81 -1.24 5.45
N ASP B 44 -14.50 -1.06 5.46
CA ASP B 44 -13.56 -2.15 5.72
C ASP B 44 -12.25 -1.50 6.08
N LYS B 46 -8.06 -2.74 6.53
CA LYS B 46 -7.07 -3.81 6.46
C LYS B 46 -5.75 -3.24 6.96
N VAL B 47 -5.12 -3.96 7.88
CA VAL B 47 -3.83 -3.58 8.42
C VAL B 47 -2.78 -4.56 7.92
N THR B 48 -1.70 -4.03 7.35
CA THR B 48 -0.63 -4.83 6.77
C THR B 48 0.67 -4.53 7.49
N ARG B 49 1.26 -5.54 8.11
CA ARG B 49 2.60 -5.42 8.67
C ARG B 49 3.58 -5.53 7.52
N ILE B 50 4.49 -4.56 7.37
CA ILE B 50 5.53 -4.64 6.36
C ILE B 50 6.71 -5.38 6.98
N VAL B 51 7.00 -6.55 6.46
CA VAL B 51 7.98 -7.42 7.10
C VAL B 51 9.32 -7.39 6.39
N GLY B 52 9.39 -6.65 5.28
CA GLY B 52 10.63 -6.48 4.56
C GLY B 52 10.42 -6.05 3.13
N SER B 53 11.50 -6.01 2.37
CA SER B 53 11.45 -5.90 0.91
C SER B 53 11.89 -7.23 0.35
N PRO B 54 11.80 -7.42 -0.99
CA PRO B 54 12.37 -8.63 -1.54
C PRO B 54 13.83 -8.91 -1.16
N GLY B 56 15.51 -7.47 1.73
CA GLY B 56 15.81 -7.47 3.15
C GLY B 56 14.90 -6.54 3.89
N GLU B 57 15.48 -5.52 4.50
CA GLU B 57 14.72 -4.54 5.24
C GLU B 57 13.87 -3.68 4.30
N SER B 58 12.85 -3.06 4.88
CA SER B 58 12.07 -2.06 4.17
C SER B 58 12.17 -0.74 4.93
N LYS B 59 12.10 0.35 4.19
CA LYS B 59 11.91 1.70 4.75
C LYS B 59 10.57 1.77 5.50
N PHE B 60 9.61 0.94 5.12
CA PHE B 60 8.28 0.99 5.66
C PHE B 60 7.99 -0.13 6.64
N TYR B 61 7.08 0.16 7.57
CA TYR B 61 6.78 -0.70 8.70
C TYR B 61 5.33 -1.18 8.75
N LEU B 62 4.39 -0.31 8.41
CA LEU B 62 2.99 -0.67 8.50
C LEU B 62 2.17 0.11 7.49
N CYS B 64 -2.09 0.84 6.45
CA CYS B 64 -3.49 0.64 6.76
C CYS B 64 -4.30 1.12 5.57
N GLU B 65 -5.29 0.33 5.18
CA GLU B 65 -6.18 0.66 4.06
C GLU B 65 -7.59 0.75 4.60
N TYR B 67 -11.45 1.67 3.68
CA TYR B 67 -12.32 1.65 2.51
C TYR B 67 -13.63 2.41 2.75
N TYR B 68 -14.01 3.20 1.75
CA TYR B 68 -15.24 3.98 1.73
C TYR B 68 -15.98 3.76 0.42
N ASP B 69 -17.27 4.01 0.44
CA ASP B 69 -18.10 3.70 -0.73
C ASP B 69 -17.88 4.64 -1.90
N ASP B 70 -17.37 5.84 -1.62
CA ASP B 70 -17.18 6.82 -2.68
C ASP B 70 -16.33 7.95 -2.13
N HIS B 71 -15.85 8.81 -3.02
CA HIS B 71 -14.98 9.92 -2.59
C HIS B 71 -15.68 10.87 -1.64
N GLU B 72 -16.92 11.21 -1.94
CA GLU B 72 -17.62 12.16 -1.09
C GLU B 72 -17.74 11.61 0.34
N SER B 73 -18.05 10.32 0.47
CA SER B 73 -18.15 9.72 1.80
C SER B 73 -16.83 9.76 2.56
N LEU B 74 -15.72 9.49 1.87
CA LEU B 74 -14.41 9.60 2.49
C LEU B 74 -14.13 11.03 2.98
N GLN B 75 -14.45 12.01 2.15
CA GLN B 75 -14.18 13.40 2.53
C GLN B 75 -15.03 13.81 3.73
N GLN B 76 -16.27 13.34 3.78
CA GLN B 76 -17.12 13.58 4.94
C GLN B 76 -16.54 12.89 6.18
N ALA B 77 -16.18 11.62 6.02
CA ALA B 77 -15.68 10.81 7.12
C ALA B 77 -14.47 11.43 7.79
N ARG B 79 -13.77 14.39 8.21
CA ARG B 79 -14.17 15.62 8.89
C ARG B 79 -15.18 15.40 10.02
N THR B 80 -15.53 14.14 10.28
CA THR B 80 -16.35 13.81 11.45
C THR B 80 -15.51 13.95 12.71
N ASP B 81 -16.17 14.01 13.86
CA ASP B 81 -15.42 14.05 15.12
C ASP B 81 -14.47 12.86 15.20
N GLU B 82 -14.95 11.69 14.81
CA GLU B 82 -14.17 10.46 14.90
C GLU B 82 -13.00 10.52 13.92
N GLY B 83 -13.24 10.99 12.71
CA GLY B 83 -12.17 11.13 11.74
C GLY B 83 -11.10 12.09 12.19
N LYS B 84 -11.52 13.22 12.73
CA LYS B 84 -10.57 14.20 13.25
C LYS B 84 -9.75 13.61 14.40
N ALA B 85 -10.40 12.92 15.32
CA ALA B 85 -9.68 12.33 16.46
C ALA B 85 -8.65 11.29 16.00
N SER B 86 -9.02 10.46 15.03
CA SER B 86 -8.09 9.49 14.47
C SER B 86 -6.91 10.20 13.82
N GLY B 87 -7.17 11.23 13.02
CA GLY B 87 -6.09 11.95 12.35
C GLY B 87 -5.15 12.61 13.35
N LYS B 88 -5.70 13.21 14.39
CA LYS B 88 -4.87 13.85 15.39
C LYS B 88 -4.04 12.81 16.16
N ASP B 89 -4.61 11.66 16.43
CA ASP B 89 -3.88 10.59 17.12
C ASP B 89 -2.70 10.10 16.28
N ALA B 90 -2.92 9.89 14.98
CA ALA B 90 -1.85 9.45 14.10
C ALA B 90 -0.74 10.48 14.07
N LYS B 92 0.05 12.69 16.31
CA LYS B 92 0.73 12.78 17.60
C LYS B 92 1.77 11.70 17.82
N PHE B 93 1.42 10.46 17.52
CA PHE B 93 2.33 9.35 17.82
C PHE B 93 3.28 8.97 16.69
N ALA B 94 2.95 9.37 15.46
CA ALA B 94 3.69 8.92 14.32
C ALA B 94 3.69 9.86 13.13
N GLY B 95 3.40 11.13 13.34
CA GLY B 95 3.28 12.05 12.22
C GLY B 95 4.51 12.13 11.33
N LYS B 96 5.70 12.02 11.90
CA LYS B 96 6.93 12.12 11.10
C LYS B 96 7.15 10.87 10.25
N LEU B 97 6.39 9.80 10.53
CA LEU B 97 6.51 8.55 9.82
C LEU B 97 5.45 8.36 8.75
N LEU B 98 4.47 9.25 8.67
CA LEU B 98 3.22 8.97 7.99
C LEU B 98 3.08 9.63 6.63
N THR B 99 2.65 8.82 5.64
CA THR B 99 2.20 9.29 4.34
C THR B 99 0.75 8.88 4.17
N LEU B 100 -0.11 9.81 3.78
CA LEU B 100 -1.51 9.54 3.50
C LEU B 100 -1.79 9.69 2.01
N ILE B 102 -4.91 8.91 -1.15
CA ILE B 102 -6.27 8.54 -1.51
C ILE B 102 -6.20 7.77 -2.81
N GLY B 103 -6.79 6.57 -2.80
CA GLY B 103 -6.73 5.69 -3.95
C GLY B 103 -8.08 5.19 -4.44
N GLU B 104 -8.09 4.77 -5.71
CA GLU B 104 -9.22 4.08 -6.33
C GLU B 104 -8.77 2.67 -6.69
N GLU B 105 -9.30 1.69 -5.98
CA GLU B 105 -8.88 0.31 -6.17
C GLU B 105 -9.79 -0.33 -7.19
#